data_7QNL
#
_entry.id   7QNL
#
_cell.length_a   89.741
_cell.length_b   89.741
_cell.length_c   69.300
_cell.angle_alpha   90.000
_cell.angle_beta   90.000
_cell.angle_gamma   90.000
#
_symmetry.space_group_name_H-M   'P 42 21 2'
#
loop_
_entity.id
_entity.type
_entity.pdbx_description
1 polymer DARPIN
2 non-polymer 'SULFATE ION'
3 water water
#
_entity_poly.entity_id   1
_entity_poly.type   'polypeptide(L)'
_entity_poly.pdbx_seq_one_letter_code
;SDLAAKLAALKAAIEAIIKRIEEAEKNGDEDKVKELREKLDKLRKAYDRLELIIRLLEAALKGQIEEVRRLLEQGADANG
ADGTGTTPLHLAATSGQLTIVEILLRQGADVNAADNTGTTPLHLAAYSGHLEIVEVLLKHGADVDASDVFGYTPLHLAAY
WGHLEIVEVLLKNGADVNAMDSDGMTPLHLAAKWGYLEIVEVLLKHGADVNAQDKFGKTPFDLAIDNGNEDIAEVLQKAA
;
_entity_poly.pdbx_strand_id   AAA
#
loop_
_chem_comp.id
_chem_comp.type
_chem_comp.name
_chem_comp.formula
SO4 non-polymer 'SULFATE ION' 'O4 S -2'
#
# COMPACT_ATOMS: atom_id res chain seq x y z
N SER A 1 -4.12 -1.52 16.98
CA SER A 1 -5.18 -2.56 17.00
C SER A 1 -4.57 -3.94 17.34
N ASP A 2 -3.89 -4.59 16.36
CA ASP A 2 -3.05 -5.80 16.55
C ASP A 2 -1.63 -5.38 16.97
N LEU A 3 -1.15 -4.21 16.53
CA LEU A 3 0.11 -3.64 17.11
C LEU A 3 -0.13 -3.19 18.58
N ALA A 4 -1.28 -2.62 18.92
CA ALA A 4 -1.59 -2.18 20.30
C ALA A 4 -1.61 -3.41 21.20
N ALA A 5 -2.31 -4.44 20.76
CA ALA A 5 -2.43 -5.71 21.53
C ALA A 5 -1.03 -6.31 21.66
N LYS A 6 -0.21 -6.22 20.62
CA LYS A 6 1.14 -6.84 20.68
C LYS A 6 2.01 -6.01 21.65
N LEU A 7 1.91 -4.69 21.63
CA LEU A 7 2.69 -3.84 22.57
C LEU A 7 2.29 -4.10 24.04
N ALA A 8 0.99 -4.18 24.34
CA ALA A 8 0.45 -4.49 25.69
C ALA A 8 0.89 -5.89 26.14
N ALA A 9 1.01 -6.82 25.22
CA ALA A 9 1.53 -8.17 25.53
C ALA A 9 3.01 -8.13 25.87
N LEU A 10 3.82 -7.30 25.21
CA LEU A 10 5.24 -7.14 25.61
C LEU A 10 5.33 -6.50 27.02
N LYS A 11 4.60 -5.42 27.27
CA LYS A 11 4.43 -4.79 28.59
C LYS A 11 4.22 -5.88 29.65
N ALA A 12 3.28 -6.79 29.41
CA ALA A 12 2.86 -7.87 30.33
C ALA A 12 4.01 -8.85 30.53
N ALA A 13 4.65 -9.29 29.43
CA ALA A 13 5.79 -10.23 29.48
C ALA A 13 6.95 -9.60 30.26
N ILE A 14 7.16 -8.28 30.08
CA ILE A 14 8.32 -7.60 30.74
C ILE A 14 8.08 -7.59 32.26
N GLU A 15 6.88 -7.24 32.71
CA GLU A 15 6.50 -7.19 34.15
C GLU A 15 6.57 -8.58 34.75
N ALA A 16 6.22 -9.62 33.98
CA ALA A 16 6.24 -11.01 34.46
C ALA A 16 7.69 -11.44 34.65
N ILE A 17 8.59 -11.12 33.72
CA ILE A 17 9.97 -11.64 33.88
C ILE A 17 10.67 -10.89 35.03
N ILE A 18 10.27 -9.64 35.29
CA ILE A 18 10.85 -8.82 36.39
C ILE A 18 10.59 -9.51 37.73
N LYS A 19 9.34 -9.84 38.00
CA LYS A 19 8.92 -10.67 39.17
C LYS A 19 9.80 -11.92 39.28
N ARG A 20 10.11 -12.59 38.15
CA ARG A 20 10.86 -13.88 38.17
C ARG A 20 12.33 -13.59 38.49
N ILE A 21 12.85 -12.50 37.94
CA ILE A 21 14.25 -12.07 38.18
C ILE A 21 14.43 -11.82 39.69
N GLU A 22 13.41 -11.27 40.36
CA GLU A 22 13.50 -10.83 41.78
C GLU A 22 13.38 -12.08 42.68
N GLU A 23 12.34 -12.92 42.51
CA GLU A 23 12.21 -14.23 43.21
C GLU A 23 13.53 -15.00 43.15
N ALA A 24 14.27 -14.93 42.03
CA ALA A 24 15.46 -15.75 41.73
C ALA A 24 16.73 -15.22 42.41
N GLU A 25 16.98 -13.91 42.40
CA GLU A 25 18.16 -13.31 43.09
C GLU A 25 17.94 -13.48 44.60
N LYS A 26 16.68 -13.45 45.01
CA LYS A 26 16.21 -13.51 46.42
C LYS A 26 16.25 -14.98 46.86
N ASN A 27 16.06 -15.92 45.93
CA ASN A 27 16.32 -17.37 46.13
C ASN A 27 17.80 -17.70 45.93
N GLY A 28 18.62 -16.76 45.48
CA GLY A 28 20.08 -16.93 45.37
C GLY A 28 20.52 -17.69 44.11
N ASP A 29 19.61 -17.95 43.17
CA ASP A 29 19.87 -18.65 41.87
C ASP A 29 20.45 -17.68 40.84
N GLU A 30 21.78 -17.56 40.84
CA GLU A 30 22.58 -16.59 40.05
C GLU A 30 22.40 -16.79 38.55
N ASP A 31 22.37 -18.05 38.08
CA ASP A 31 22.37 -18.43 36.64
C ASP A 31 20.99 -18.12 36.02
N LYS A 32 19.91 -18.36 36.77
CA LYS A 32 18.51 -18.10 36.34
C LYS A 32 18.32 -16.57 36.20
N VAL A 33 18.82 -15.82 37.20
CA VAL A 33 18.85 -14.33 37.19
C VAL A 33 19.53 -13.84 35.91
N LYS A 34 20.75 -14.31 35.60
CA LYS A 34 21.47 -13.77 34.43
C LYS A 34 20.72 -14.15 33.13
N GLU A 35 20.20 -15.38 33.04
CA GLU A 35 19.42 -15.83 31.86
C GLU A 35 18.22 -14.88 31.68
N LEU A 36 17.48 -14.61 32.77
CA LEU A 36 16.21 -13.83 32.73
C LEU A 36 16.54 -12.37 32.41
N ARG A 37 17.66 -11.88 32.91
CA ARG A 37 18.08 -10.48 32.67
C ARG A 37 18.43 -10.32 31.19
N GLU A 38 19.01 -11.33 30.56
CA GLU A 38 19.29 -11.29 29.08
C GLU A 38 17.97 -11.23 28.31
N LYS A 39 16.99 -12.04 28.70
CA LYS A 39 15.66 -12.04 28.04
C LYS A 39 15.01 -10.66 28.24
N LEU A 40 15.13 -10.10 29.45
CA LEU A 40 14.46 -8.82 29.80
C LEU A 40 14.93 -7.76 28.83
N ASP A 41 16.23 -7.73 28.61
CA ASP A 41 16.86 -6.75 27.71
C ASP A 41 16.29 -6.90 26.29
N LYS A 42 16.17 -8.14 25.80
CA LYS A 42 15.63 -8.38 24.42
C LYS A 42 14.17 -7.92 24.36
N LEU A 43 13.39 -8.19 25.40
CA LEU A 43 11.98 -7.77 25.40
C LEU A 43 11.87 -6.24 25.41
N ARG A 44 12.68 -5.56 26.22
CA ARG A 44 12.64 -4.08 26.25
C ARG A 44 12.99 -3.52 24.86
N LYS A 45 14.01 -4.06 24.21
CA LYS A 45 14.43 -3.53 22.92
C LYS A 45 13.30 -3.76 21.89
N ALA A 46 12.61 -4.89 21.99
CA ALA A 46 11.50 -5.23 21.07
C ALA A 46 10.30 -4.33 21.35
N TYR A 47 10.01 -4.04 22.63
CA TYR A 47 8.97 -3.07 23.04
C TYR A 47 9.30 -1.72 22.39
N ASP A 48 10.52 -1.21 22.56
CA ASP A 48 10.91 0.15 22.06
C ASP A 48 10.76 0.21 20.53
N ARG A 49 11.22 -0.80 19.84
CA ARG A 49 11.19 -0.89 18.35
C ARG A 49 9.72 -0.83 17.91
N LEU A 50 8.84 -1.61 18.53
CA LEU A 50 7.42 -1.68 18.14
C LEU A 50 6.72 -0.34 18.43
N GLU A 51 7.02 0.28 19.57
N GLU A 51 7.00 0.27 19.58
CA GLU A 51 6.40 1.59 19.93
CA GLU A 51 6.40 1.58 19.93
C GLU A 51 6.79 2.63 18.88
C GLU A 51 6.76 2.58 18.82
N LEU A 52 8.03 2.60 18.36
CA LEU A 52 8.46 3.54 17.30
C LEU A 52 7.72 3.28 15.97
N ILE A 53 7.47 2.04 15.65
CA ILE A 53 6.76 1.68 14.38
C ILE A 53 5.32 2.14 14.48
N ILE A 54 4.66 1.92 15.61
CA ILE A 54 3.27 2.42 15.85
C ILE A 54 3.27 3.94 15.60
N ARG A 55 4.21 4.66 16.22
CA ARG A 55 4.25 6.14 16.09
C ARG A 55 4.58 6.57 14.65
N LEU A 56 5.47 5.84 13.97
CA LEU A 56 5.87 6.19 12.58
C LEU A 56 4.69 5.98 11.61
N LEU A 57 3.98 4.87 11.73
CA LEU A 57 2.72 4.68 10.94
C LEU A 57 1.80 5.88 11.11
N GLU A 58 1.49 6.25 12.36
CA GLU A 58 0.54 7.34 12.67
C GLU A 58 1.09 8.66 12.09
N ALA A 59 2.37 8.95 12.29
CA ALA A 59 2.97 10.23 11.82
C ALA A 59 2.91 10.30 10.29
N ALA A 60 3.15 9.19 9.60
CA ALA A 60 3.21 9.17 8.12
C ALA A 60 1.78 9.41 7.61
N LEU A 61 0.82 8.74 8.23
CA LEU A 61 -0.62 8.86 7.86
C LEU A 61 -1.09 10.31 8.03
N LYS A 62 -0.74 10.94 9.15
CA LYS A 62 -1.22 12.29 9.49
C LYS A 62 -0.37 13.37 8.83
N GLY A 63 0.66 13.01 8.07
CA GLY A 63 1.48 14.01 7.36
C GLY A 63 2.29 14.87 8.31
N GLN A 64 2.69 14.35 9.46
CA GLN A 64 3.57 15.11 10.39
C GLN A 64 5.03 14.96 9.97
N ILE A 65 5.51 15.88 9.13
CA ILE A 65 6.82 15.68 8.46
C ILE A 65 7.93 15.64 9.52
N GLU A 66 7.92 16.56 10.49
CA GLU A 66 9.01 16.71 11.47
C GLU A 66 8.99 15.51 12.43
N GLU A 67 7.79 15.07 12.83
CA GLU A 67 7.62 13.88 13.70
C GLU A 67 8.17 12.66 12.94
N VAL A 68 7.86 12.49 11.65
CA VAL A 68 8.46 11.39 10.84
C VAL A 68 9.99 11.51 10.92
N ARG A 69 10.56 12.69 10.71
CA ARG A 69 12.04 12.85 10.76
C ARG A 69 12.60 12.49 12.14
N ARG A 70 11.93 12.97 13.19
N ARG A 70 11.92 12.89 13.22
CA ARG A 70 12.29 12.66 14.60
CA ARG A 70 12.36 12.62 14.61
C ARG A 70 12.38 11.14 14.76
C ARG A 70 12.34 11.12 14.91
N LEU A 71 11.27 10.44 14.49
CA LEU A 71 11.12 8.98 14.71
C LEU A 71 12.23 8.21 13.98
N LEU A 72 12.55 8.61 12.76
CA LEU A 72 13.60 7.94 11.98
C LEU A 72 14.95 8.22 12.66
N GLU A 73 15.21 9.47 13.08
CA GLU A 73 16.44 9.77 13.87
C GLU A 73 16.48 8.88 15.11
N GLN A 74 15.35 8.62 15.77
CA GLN A 74 15.33 7.77 16.98
C GLN A 74 15.51 6.28 16.62
N GLY A 75 15.61 5.89 15.34
CA GLY A 75 15.84 4.47 14.97
C GLY A 75 14.58 3.75 14.49
N ALA A 76 13.45 4.44 14.33
CA ALA A 76 12.22 3.78 13.82
C ALA A 76 12.53 3.07 12.50
N ASP A 77 11.99 1.86 12.33
CA ASP A 77 12.16 1.08 11.08
C ASP A 77 11.22 1.62 9.98
N ALA A 78 11.79 2.17 8.93
CA ALA A 78 11.10 2.73 7.72
C ALA A 78 10.32 1.63 7.02
N ASN A 79 10.76 0.38 7.17
CA ASN A 79 10.07 -0.78 6.57
C ASN A 79 9.15 -1.47 7.56
N GLY A 80 8.97 -0.96 8.77
CA GLY A 80 8.14 -1.69 9.75
C GLY A 80 6.69 -1.75 9.22
N ALA A 81 6.01 -2.88 9.38
CA ALA A 81 4.63 -3.04 8.87
C ALA A 81 3.68 -3.38 10.01
N ASP A 82 2.41 -2.99 9.86
CA ASP A 82 1.37 -3.46 10.82
C ASP A 82 0.94 -4.91 10.52
N GLY A 83 -0.09 -5.42 11.21
CA GLY A 83 -0.45 -6.86 11.12
C GLY A 83 -1.11 -7.16 9.78
N THR A 84 -1.47 -6.17 8.95
CA THR A 84 -1.98 -6.40 7.58
C THR A 84 -0.86 -6.19 6.57
N GLY A 85 0.37 -5.90 7.00
CA GLY A 85 1.49 -5.67 6.05
C GLY A 85 1.52 -4.21 5.55
N THR A 86 0.73 -3.32 6.14
CA THR A 86 0.73 -1.86 5.80
C THR A 86 1.99 -1.20 6.39
N THR A 87 2.74 -0.51 5.54
CA THR A 87 3.97 0.24 5.91
C THR A 87 3.71 1.74 5.91
N PRO A 88 4.58 2.52 6.56
CA PRO A 88 4.50 3.99 6.50
C PRO A 88 4.36 4.51 5.08
N LEU A 89 5.03 3.91 4.13
CA LEU A 89 5.00 4.40 2.74
C LEU A 89 3.60 4.15 2.15
N HIS A 90 2.96 3.02 2.45
CA HIS A 90 1.54 2.84 2.11
C HIS A 90 0.71 4.01 2.63
N LEU A 91 0.81 4.34 3.90
CA LEU A 91 -0.08 5.36 4.52
C LEU A 91 0.18 6.76 3.92
N ALA A 92 1.44 7.16 3.79
CA ALA A 92 1.91 8.40 3.13
C ALA A 92 1.37 8.47 1.70
N ALA A 93 1.45 7.37 0.95
CA ALA A 93 1.03 7.37 -0.46
C ALA A 93 -0.49 7.58 -0.55
N THR A 94 -1.27 6.98 0.33
CA THR A 94 -2.75 7.09 0.38
C THR A 94 -3.21 8.51 0.75
N SER A 95 -2.62 9.10 1.77
CA SER A 95 -3.12 10.37 2.34
C SER A 95 -2.41 11.52 1.66
N GLY A 96 -1.56 11.26 0.68
CA GLY A 96 -0.95 12.25 -0.22
C GLY A 96 0.19 13.02 0.44
N GLN A 97 1.04 12.36 1.22
CA GLN A 97 2.14 13.06 1.93
C GLN A 97 3.41 12.93 1.10
N LEU A 98 3.65 13.85 0.17
CA LEU A 98 4.76 13.74 -0.81
C LEU A 98 6.13 13.79 -0.12
N THR A 99 6.34 14.74 0.76
CA THR A 99 7.64 14.93 1.43
C THR A 99 7.95 13.66 2.25
N ILE A 100 6.99 13.16 2.99
CA ILE A 100 7.15 11.93 3.80
C ILE A 100 7.50 10.71 2.90
N VAL A 101 6.88 10.58 1.74
CA VAL A 101 7.21 9.55 0.73
C VAL A 101 8.68 9.65 0.42
N GLU A 102 9.16 10.85 0.06
CA GLU A 102 10.56 11.04 -0.36
C GLU A 102 11.51 10.77 0.79
N ILE A 103 11.12 11.14 2.00
CA ILE A 103 11.94 10.95 3.22
C ILE A 103 12.07 9.43 3.53
N LEU A 104 10.93 8.71 3.45
CA LEU A 104 10.94 7.24 3.64
C LEU A 104 11.78 6.56 2.58
N LEU A 105 11.68 6.96 1.31
CA LEU A 105 12.48 6.30 0.26
C LEU A 105 13.98 6.60 0.47
N ARG A 106 14.34 7.81 0.91
CA ARG A 106 15.76 8.05 1.25
C ARG A 106 16.24 7.09 2.33
N GLN A 107 15.39 6.61 3.25
CA GLN A 107 15.82 5.72 4.34
C GLN A 107 15.94 4.25 3.89
N GLY A 108 15.69 3.95 2.60
CA GLY A 108 15.69 2.59 2.02
C GLY A 108 14.37 1.86 2.19
N ALA A 109 13.25 2.56 2.47
CA ALA A 109 11.87 1.99 2.38
C ALA A 109 11.67 1.28 1.04
N ASP A 110 11.11 0.07 1.11
CA ASP A 110 10.81 -0.75 -0.07
C ASP A 110 9.67 -0.06 -0.81
N VAL A 111 10.00 0.44 -1.98
CA VAL A 111 8.99 1.10 -2.86
C VAL A 111 7.96 0.09 -3.34
N ASN A 112 8.28 -1.23 -3.39
CA ASN A 112 7.34 -2.30 -3.83
C ASN A 112 6.77 -3.14 -2.69
N ALA A 113 6.76 -2.68 -1.44
CA ALA A 113 6.23 -3.42 -0.29
C ALA A 113 4.78 -3.77 -0.56
N ALA A 114 4.46 -5.05 -0.47
CA ALA A 114 3.11 -5.60 -0.72
C ALA A 114 2.49 -5.85 0.65
N ASP A 115 1.28 -5.35 0.88
CA ASP A 115 0.59 -5.73 2.12
C ASP A 115 0.06 -7.16 1.96
N ASN A 116 -0.69 -7.64 2.96
CA ASN A 116 -1.16 -9.05 2.93
C ASN A 116 -2.11 -9.34 1.75
N THR A 117 -2.72 -8.33 1.11
CA THR A 117 -3.55 -8.52 -0.11
C THR A 117 -2.81 -8.11 -1.38
N GLY A 118 -1.50 -7.90 -1.31
CA GLY A 118 -0.70 -7.65 -2.50
C GLY A 118 -0.81 -6.20 -2.91
N THR A 119 -1.32 -5.33 -2.06
CA THR A 119 -1.44 -3.88 -2.41
C THR A 119 -0.11 -3.18 -2.19
N THR A 120 0.38 -2.45 -3.18
CA THR A 120 1.66 -1.69 -3.09
C THR A 120 1.35 -0.22 -2.90
N PRO A 121 2.37 0.55 -2.48
CA PRO A 121 2.18 2.00 -2.38
C PRO A 121 1.67 2.62 -3.69
N LEU A 122 2.13 2.12 -4.82
CA LEU A 122 1.69 2.65 -6.12
C LEU A 122 0.20 2.35 -6.32
N HIS A 123 -0.29 1.18 -5.95
CA HIS A 123 -1.75 0.96 -5.98
C HIS A 123 -2.46 2.06 -5.21
N LEU A 124 -1.99 2.36 -4.00
CA LEU A 124 -2.74 3.26 -3.10
C LEU A 124 -2.68 4.69 -3.66
N ALA A 125 -1.53 5.12 -4.15
CA ALA A 125 -1.43 6.47 -4.76
C ALA A 125 -2.33 6.57 -6.01
N ALA A 126 -2.40 5.53 -6.85
CA ALA A 126 -3.26 5.50 -8.03
C ALA A 126 -4.73 5.60 -7.60
N TYR A 127 -5.17 4.74 -6.68
CA TYR A 127 -6.55 4.75 -6.13
C TYR A 127 -6.95 6.16 -5.67
N SER A 128 -6.06 6.80 -4.91
N SER A 128 -6.08 6.80 -4.89
CA SER A 128 -6.33 7.98 -4.06
CA SER A 128 -6.36 8.00 -4.07
C SER A 128 -6.11 9.26 -4.86
C SER A 128 -6.28 9.25 -4.93
N GLY A 129 -5.67 9.13 -6.11
CA GLY A 129 -5.53 10.22 -7.10
C GLY A 129 -4.33 11.08 -6.87
N HIS A 130 -3.25 10.59 -6.26
CA HIS A 130 -2.09 11.45 -5.92
C HIS A 130 -1.05 11.28 -7.01
N LEU A 131 -1.09 12.21 -7.96
CA LEU A 131 -0.38 12.09 -9.25
C LEU A 131 1.11 12.24 -8.98
N GLU A 132 1.48 13.22 -8.18
CA GLU A 132 2.90 13.51 -8.00
C GLU A 132 3.52 12.34 -7.20
N ILE A 133 2.77 11.75 -6.28
CA ILE A 133 3.22 10.51 -5.56
C ILE A 133 3.34 9.36 -6.54
N VAL A 134 2.38 9.18 -7.44
CA VAL A 134 2.51 8.15 -8.51
C VAL A 134 3.85 8.35 -9.22
N GLU A 135 4.17 9.61 -9.56
CA GLU A 135 5.39 9.88 -10.35
C GLU A 135 6.64 9.55 -9.55
N VAL A 136 6.67 10.01 -8.30
CA VAL A 136 7.86 9.82 -7.42
C VAL A 136 8.05 8.32 -7.17
N LEU A 137 6.96 7.55 -6.98
CA LEU A 137 7.10 6.10 -6.74
C LEU A 137 7.67 5.46 -7.98
N LEU A 138 7.19 5.84 -9.13
CA LEU A 138 7.65 5.21 -10.39
C LEU A 138 9.12 5.57 -10.61
N LYS A 139 9.48 6.81 -10.35
CA LYS A 139 10.89 7.30 -10.52
C LYS A 139 11.80 6.42 -9.68
N HIS A 140 11.33 6.02 -8.48
CA HIS A 140 12.11 5.18 -7.55
C HIS A 140 11.92 3.67 -7.76
N GLY A 141 11.41 3.24 -8.90
CA GLY A 141 11.39 1.82 -9.32
C GLY A 141 10.14 1.05 -8.88
N ALA A 142 9.05 1.70 -8.53
CA ALA A 142 7.75 1.00 -8.30
C ALA A 142 7.38 0.18 -9.54
N ASP A 143 7.08 -1.08 -9.36
CA ASP A 143 6.61 -1.99 -10.42
C ASP A 143 5.27 -1.41 -10.93
N VAL A 144 5.26 -0.95 -12.17
CA VAL A 144 4.07 -0.27 -12.77
C VAL A 144 2.90 -1.25 -12.83
N ASP A 145 3.14 -2.56 -12.94
CA ASP A 145 2.06 -3.57 -13.17
C ASP A 145 2.00 -4.53 -12.01
N ALA A 146 2.35 -4.09 -10.82
CA ALA A 146 2.18 -4.97 -9.64
C ALA A 146 0.68 -5.34 -9.58
N SER A 147 0.41 -6.57 -9.17
CA SER A 147 -0.90 -7.23 -9.21
C SER A 147 -1.29 -7.55 -7.78
N ASP A 148 -2.43 -7.06 -7.29
CA ASP A 148 -2.86 -7.45 -5.94
C ASP A 148 -3.48 -8.86 -6.02
N VAL A 149 -3.98 -9.36 -4.91
CA VAL A 149 -4.49 -10.77 -4.93
C VAL A 149 -5.78 -10.87 -5.77
N PHE A 150 -6.44 -9.77 -6.10
CA PHE A 150 -7.63 -9.79 -6.98
C PHE A 150 -7.21 -9.65 -8.44
N GLY A 151 -5.93 -9.49 -8.69
CA GLY A 151 -5.40 -9.21 -10.04
C GLY A 151 -5.47 -7.74 -10.45
N TYR A 152 -5.78 -6.82 -9.56
CA TYR A 152 -5.81 -5.40 -9.96
C TYR A 152 -4.38 -4.86 -10.07
N THR A 153 -4.13 -4.18 -11.18
CA THR A 153 -2.91 -3.33 -11.34
C THR A 153 -3.22 -1.90 -10.91
N PRO A 154 -2.21 -1.05 -10.67
CA PRO A 154 -2.48 0.38 -10.55
C PRO A 154 -3.34 0.99 -11.67
N LEU A 155 -3.16 0.58 -12.93
CA LEU A 155 -3.96 1.09 -14.05
C LEU A 155 -5.44 0.69 -13.84
N HIS A 156 -5.74 -0.54 -13.41
CA HIS A 156 -7.15 -0.92 -13.08
C HIS A 156 -7.68 0.09 -12.10
N LEU A 157 -6.92 0.44 -11.05
CA LEU A 157 -7.44 1.29 -9.95
C LEU A 157 -7.62 2.73 -10.49
N ALA A 158 -6.67 3.22 -11.26
CA ALA A 158 -6.78 4.57 -11.85
C ALA A 158 -8.03 4.65 -12.75
N ALA A 159 -8.27 3.65 -13.61
CA ALA A 159 -9.44 3.54 -14.48
C ALA A 159 -10.72 3.47 -13.64
N TYR A 160 -10.72 2.63 -12.60
CA TYR A 160 -11.92 2.41 -11.76
C TYR A 160 -12.34 3.71 -11.06
N TRP A 161 -11.38 4.47 -10.55
CA TRP A 161 -11.66 5.67 -9.74
C TRP A 161 -11.59 6.95 -10.57
N GLY A 162 -11.33 6.85 -11.87
CA GLY A 162 -11.52 7.94 -12.85
C GLY A 162 -10.38 8.96 -12.81
N HIS A 163 -9.16 8.55 -12.50
CA HIS A 163 -8.00 9.47 -12.47
C HIS A 163 -7.27 9.46 -13.81
N LEU A 164 -7.61 10.40 -14.71
CA LEU A 164 -7.19 10.40 -16.14
C LEU A 164 -5.67 10.58 -16.25
N GLU A 165 -5.12 11.57 -15.57
CA GLU A 165 -3.68 11.89 -15.67
C GLU A 165 -2.87 10.73 -15.13
N ILE A 166 -3.34 10.07 -14.06
CA ILE A 166 -2.66 8.88 -13.50
C ILE A 166 -2.71 7.75 -14.52
N VAL A 167 -3.84 7.57 -15.22
CA VAL A 167 -3.95 6.59 -16.33
C VAL A 167 -2.83 6.89 -17.34
N GLU A 168 -2.65 8.16 -17.69
CA GLU A 168 -1.68 8.56 -18.76
C GLU A 168 -0.29 8.25 -18.27
N VAL A 169 0.02 8.65 -17.05
CA VAL A 169 1.38 8.43 -16.48
C VAL A 169 1.66 6.94 -16.41
N LEU A 170 0.69 6.07 -16.06
CA LEU A 170 0.96 4.61 -15.92
C LEU A 170 1.23 4.00 -17.29
N LEU A 171 0.51 4.41 -18.32
CA LEU A 171 0.69 3.88 -19.68
C LEU A 171 2.05 4.34 -20.23
N LYS A 172 2.43 5.57 -19.91
CA LYS A 172 3.78 6.14 -20.26
C LYS A 172 4.90 5.31 -19.57
N ASN A 173 4.62 4.70 -18.42
CA ASN A 173 5.56 3.83 -17.67
C ASN A 173 5.37 2.37 -18.06
N GLY A 174 4.67 2.10 -19.17
CA GLY A 174 4.66 0.74 -19.74
C GLY A 174 3.59 -0.14 -19.12
N ALA A 175 2.63 0.42 -18.38
CA ALA A 175 1.52 -0.42 -17.87
C ALA A 175 0.85 -1.18 -19.02
N ASP A 176 0.54 -2.46 -18.81
CA ASP A 176 -0.21 -3.31 -19.77
C ASP A 176 -1.65 -2.79 -19.86
N VAL A 177 -1.98 -2.09 -20.94
CA VAL A 177 -3.35 -1.55 -21.20
C VAL A 177 -4.42 -2.65 -21.17
N ASN A 178 -4.04 -3.92 -21.37
CA ASN A 178 -4.99 -5.05 -21.41
C ASN A 178 -4.79 -6.04 -20.28
N ALA A 179 -4.26 -5.59 -19.15
CA ALA A 179 -4.15 -6.43 -17.95
C ALA A 179 -5.54 -6.85 -17.51
N MET A 180 -5.63 -8.10 -17.05
CA MET A 180 -6.92 -8.71 -16.65
C MET A 180 -6.92 -9.00 -15.17
N ASP A 181 -7.98 -8.63 -14.44
CA ASP A 181 -8.07 -9.02 -13.02
C ASP A 181 -8.58 -10.48 -12.96
N SER A 182 -8.86 -10.98 -11.77
CA SER A 182 -9.28 -12.38 -11.54
C SER A 182 -10.65 -12.66 -12.16
N ASP A 183 -11.43 -11.63 -12.49
CA ASP A 183 -12.77 -11.78 -13.14
C ASP A 183 -12.62 -11.56 -14.65
N GLY A 184 -11.39 -11.37 -15.13
CA GLY A 184 -11.11 -11.12 -16.55
C GLY A 184 -11.38 -9.71 -17.00
N MET A 185 -11.55 -8.78 -16.06
CA MET A 185 -11.83 -7.38 -16.41
C MET A 185 -10.53 -6.62 -16.72
N THR A 186 -10.54 -5.81 -17.76
CA THR A 186 -9.48 -4.92 -18.24
C THR A 186 -9.80 -3.51 -17.76
N PRO A 187 -8.80 -2.62 -17.81
CA PRO A 187 -9.02 -1.21 -17.49
C PRO A 187 -10.16 -0.62 -18.34
N LEU A 188 -10.26 -0.99 -19.61
CA LEU A 188 -11.32 -0.48 -20.51
C LEU A 188 -12.68 -0.94 -19.98
N HIS A 189 -12.81 -2.18 -19.51
CA HIS A 189 -14.05 -2.69 -18.88
C HIS A 189 -14.43 -1.77 -17.73
N LEU A 190 -13.47 -1.39 -16.90
CA LEU A 190 -13.78 -0.61 -15.69
C LEU A 190 -14.18 0.82 -16.10
N ALA A 191 -13.47 1.41 -17.03
CA ALA A 191 -13.68 2.81 -17.46
C ALA A 191 -15.06 2.92 -18.13
N ALA A 192 -15.46 1.87 -18.85
CA ALA A 192 -16.73 1.81 -19.60
C ALA A 192 -17.90 1.65 -18.63
N LYS A 193 -17.72 0.82 -17.61
CA LYS A 193 -18.71 0.55 -16.56
C LYS A 193 -19.02 1.84 -15.79
N TRP A 194 -18.01 2.63 -15.44
CA TRP A 194 -18.14 3.79 -14.52
C TRP A 194 -18.31 5.10 -15.28
N GLY A 195 -18.30 5.03 -16.61
CA GLY A 195 -18.65 6.17 -17.49
C GLY A 195 -17.53 7.18 -17.68
N TYR A 196 -16.26 6.77 -17.69
CA TYR A 196 -15.11 7.72 -17.78
C TYR A 196 -14.74 7.84 -19.27
N LEU A 197 -15.36 8.76 -19.99
CA LEU A 197 -15.28 8.79 -21.46
C LEU A 197 -13.82 9.06 -21.86
N GLU A 198 -13.23 10.13 -21.30
CA GLU A 198 -11.85 10.58 -21.63
C GLU A 198 -10.88 9.41 -21.43
N ILE A 199 -11.06 8.59 -20.39
CA ILE A 199 -10.16 7.46 -20.05
C ILE A 199 -10.41 6.38 -21.08
N VAL A 200 -11.68 6.21 -21.43
CA VAL A 200 -12.00 5.19 -22.47
C VAL A 200 -11.19 5.57 -23.72
N GLU A 201 -11.13 6.86 -24.04
CA GLU A 201 -10.51 7.36 -25.31
C GLU A 201 -9.00 7.10 -25.23
N VAL A 202 -8.41 7.42 -24.10
CA VAL A 202 -6.94 7.22 -23.88
C VAL A 202 -6.62 5.74 -23.97
N LEU A 203 -7.40 4.88 -23.32
CA LEU A 203 -7.12 3.42 -23.35
C LEU A 203 -7.18 2.94 -24.81
N LEU A 204 -8.15 3.37 -25.60
CA LEU A 204 -8.35 2.83 -26.98
C LEU A 204 -7.13 3.20 -27.83
N LYS A 205 -6.70 4.46 -27.67
CA LYS A 205 -5.56 5.11 -28.33
C LYS A 205 -4.24 4.39 -27.98
N HIS A 206 -4.19 3.69 -26.85
CA HIS A 206 -3.00 2.92 -26.41
C HIS A 206 -3.25 1.43 -26.58
N GLY A 207 -4.20 1.03 -27.41
CA GLY A 207 -4.28 -0.38 -27.85
C GLY A 207 -5.16 -1.21 -26.97
N ALA A 208 -6.13 -0.60 -26.27
CA ALA A 208 -7.06 -1.39 -25.43
C ALA A 208 -7.88 -2.29 -26.36
N ASP A 209 -8.16 -3.52 -25.95
CA ASP A 209 -8.84 -4.54 -26.77
C ASP A 209 -10.36 -4.33 -26.59
N VAL A 210 -10.99 -3.69 -27.57
CA VAL A 210 -12.44 -3.39 -27.61
C VAL A 210 -13.22 -4.72 -27.54
N ASN A 211 -12.64 -5.83 -28.00
CA ASN A 211 -13.31 -7.16 -28.05
C ASN A 211 -13.05 -7.99 -26.79
N ALA A 212 -12.27 -7.51 -25.82
CA ALA A 212 -11.93 -8.31 -24.64
C ALA A 212 -13.21 -8.71 -23.91
N GLN A 213 -13.28 -9.95 -23.44
CA GLN A 213 -14.44 -10.48 -22.73
C GLN A 213 -14.03 -10.87 -21.30
N ASP A 214 -14.75 -10.36 -20.32
CA ASP A 214 -14.59 -10.84 -18.95
C ASP A 214 -15.10 -12.27 -18.91
N LYS A 215 -15.03 -12.85 -17.71
CA LYS A 215 -15.38 -14.23 -17.32
C LYS A 215 -16.90 -14.49 -17.35
N PHE A 216 -17.66 -13.47 -17.80
CA PHE A 216 -19.14 -13.51 -17.91
C PHE A 216 -19.49 -13.16 -19.34
N GLY A 217 -18.50 -13.21 -20.23
CA GLY A 217 -18.74 -12.96 -21.67
C GLY A 217 -18.95 -11.51 -21.99
N LYS A 218 -18.90 -10.60 -21.01
CA LYS A 218 -19.11 -9.14 -21.20
C LYS A 218 -17.90 -8.43 -21.79
N THR A 219 -18.11 -7.71 -22.87
CA THR A 219 -17.18 -6.69 -23.44
C THR A 219 -17.36 -5.40 -22.66
N PRO A 220 -16.39 -4.44 -22.80
CA PRO A 220 -16.60 -3.06 -22.36
C PRO A 220 -17.91 -2.50 -22.90
N PHE A 221 -18.15 -2.71 -24.19
CA PHE A 221 -19.37 -2.23 -24.89
C PHE A 221 -20.58 -2.63 -24.07
N ASP A 222 -20.66 -3.91 -23.72
CA ASP A 222 -21.74 -4.48 -22.89
C ASP A 222 -21.90 -3.76 -21.56
N LEU A 223 -20.82 -3.50 -20.87
CA LEU A 223 -20.88 -2.85 -19.54
C LEU A 223 -21.35 -1.41 -19.78
N ALA A 224 -21.00 -0.79 -20.89
CA ALA A 224 -21.42 0.59 -21.16
C ALA A 224 -22.96 0.57 -21.37
N ILE A 225 -23.46 -0.40 -22.12
CA ILE A 225 -24.92 -0.56 -22.30
C ILE A 225 -25.55 -0.80 -20.93
N ASP A 226 -25.09 -1.81 -20.18
CA ASP A 226 -25.72 -2.24 -18.91
C ASP A 226 -25.77 -1.02 -17.99
N ASN A 227 -24.79 -0.12 -18.07
CA ASN A 227 -24.68 0.94 -17.05
C ASN A 227 -25.17 2.28 -17.60
N GLY A 228 -25.80 2.33 -18.76
CA GLY A 228 -26.40 3.57 -19.30
C GLY A 228 -25.35 4.58 -19.75
N ASN A 229 -24.15 4.18 -20.19
CA ASN A 229 -23.09 5.11 -20.68
C ASN A 229 -23.14 5.18 -22.23
N GLU A 230 -24.00 6.04 -22.77
CA GLU A 230 -24.40 6.06 -24.23
C GLU A 230 -23.24 6.46 -25.12
N ASP A 231 -22.60 7.58 -24.82
CA ASP A 231 -21.42 8.12 -25.53
C ASP A 231 -20.33 7.04 -25.62
N ILE A 232 -20.01 6.42 -24.46
CA ILE A 232 -18.96 5.37 -24.40
C ILE A 232 -19.41 4.20 -25.27
N ALA A 233 -20.69 3.82 -25.22
CA ALA A 233 -21.21 2.69 -26.01
C ALA A 233 -20.99 2.99 -27.49
N GLU A 234 -21.17 4.26 -27.88
CA GLU A 234 -21.02 4.79 -29.27
C GLU A 234 -19.55 4.62 -29.73
N VAL A 235 -18.60 5.18 -28.97
CA VAL A 235 -17.13 5.08 -29.26
C VAL A 235 -16.78 3.60 -29.34
N LEU A 236 -17.23 2.74 -28.44
CA LEU A 236 -16.86 1.29 -28.48
C LEU A 236 -17.43 0.57 -29.74
N GLN A 237 -18.67 0.87 -30.17
CA GLN A 237 -19.31 0.21 -31.37
C GLN A 237 -18.55 0.54 -32.68
N LYS A 238 -18.18 1.82 -32.85
CA LYS A 238 -17.25 2.45 -33.84
C LYS A 238 -15.88 1.75 -33.91
N ALA A 239 -15.12 1.72 -32.80
CA ALA A 239 -13.78 1.08 -32.71
C ALA A 239 -13.86 -0.42 -33.04
N ALA A 240 -14.94 -1.12 -32.66
CA ALA A 240 -14.99 -2.61 -32.55
C ALA A 240 -14.23 -3.28 -33.71
S SO4 B . -1.62 15.78 -7.31
O1 SO4 B . -1.69 16.42 -8.60
O2 SO4 B . -2.60 14.72 -7.25
O3 SO4 B . -1.93 16.74 -6.27
O4 SO4 B . -0.27 15.27 -7.11
S SO4 C . -7.79 13.87 -13.91
O1 SO4 C . -8.79 12.82 -13.84
O2 SO4 C . -8.05 14.69 -15.08
O3 SO4 C . -6.46 13.31 -14.02
O4 SO4 C . -7.85 14.70 -12.73
S SO4 D . -15.51 12.20 -19.06
O1 SO4 D . -15.94 12.97 -20.20
O2 SO4 D . -16.31 10.99 -18.97
O3 SO4 D . -15.68 12.98 -17.86
O4 SO4 D . -14.12 11.87 -19.23
S SO4 E . 3.65 17.45 0.87
O1 SO4 E . 3.05 18.46 1.72
O2 SO4 E . 2.61 16.55 0.39
O3 SO4 E . 4.31 18.07 -0.25
O4 SO4 E . 4.61 16.71 1.66
S SO4 F . 4.88 19.23 10.04
O1 SO4 F . 3.95 18.84 11.06
O2 SO4 F . 4.47 18.62 8.78
O3 SO4 F . 4.87 20.67 9.88
O4 SO4 F . 6.22 18.82 10.41
S SO4 G . -23.81 9.44 -22.01
O1 SO4 G . -24.50 10.11 -23.08
O2 SO4 G . -24.75 8.78 -21.15
O3 SO4 G . -23.07 10.43 -21.25
O4 SO4 G . -22.90 8.49 -22.57
S SO4 H . 12.09 -18.26 30.02
O1 SO4 H . 11.60 -19.34 30.84
O2 SO4 H . 11.92 -18.59 28.62
O3 SO4 H . 13.49 -18.04 30.29
O4 SO4 H . 11.34 -17.07 30.32
S SO4 I . 15.61 14.10 4.58
O1 SO4 I . 15.16 13.92 5.93
O2 SO4 I . 15.64 12.82 3.91
O3 SO4 I . 14.71 15.00 3.89
O4 SO4 I . 16.94 14.66 4.59
S SO4 J . 11.15 -19.89 37.23
O1 SO4 J . 9.73 -19.82 37.42
O2 SO4 J . 11.64 -21.14 37.73
O3 SO4 J . 11.45 -19.79 35.82
O4 SO4 J . 11.79 -18.80 37.92
S SO4 K . -2.69 -3.86 13.05
O1 SO4 K . -2.64 -3.41 11.68
O2 SO4 K . -3.95 -4.52 13.28
O3 SO4 K . -2.57 -2.72 13.93
O4 SO4 K . -1.61 -4.79 13.27
#